data_4PHF
#
_entry.id   4PHF
#
_cell.length_a   49.310
_cell.length_b   54.900
_cell.length_c   60.470
_cell.angle_alpha   90.00
_cell.angle_beta   90.00
_cell.angle_gamma   90.00
#
_symmetry.space_group_name_H-M   'P 21 21 21'
#
loop_
_entity.id
_entity.type
_entity.pdbx_description
1 polymer 'GTP-binding protein YPT7'
2 non-polymer "N-[3-(propanoylamino)propyl]guanosine 5'-(trihydrogen diphosphate)"
3 non-polymer 'MAGNESIUM ION'
4 non-polymer 'NITRATE ION'
5 water water
#
_entity_poly.entity_id   1
_entity_poly.type   'polypeptide(L)'
_entity_poly.pdbx_seq_one_letter_code
;GHMSSRKKNILKVIILGDSGVGKTSLMHRYVNDKYSCQYKATIGADFLTKEVTVDGDKVATMQVWDTAGQERFQSLGVAF
YRGADCCVLVYDVTNASSFENIKSWRDEFLVHANVNSPETFPFVILGNKIDAEESKKIVSEKSAQELAKSLGDIPLFLTS
AKNAINVDTAFEEIARSALQQNQA
;
_entity_poly.pdbx_strand_id   A
#
loop_
_chem_comp.id
_chem_comp.type
_chem_comp.name
_chem_comp.formula
2UH non-polymer 'N-[3-(propanoylamino)propyl]guanosine 5'-(trihydrogen diphosphate)' 'C16 H26 N6 O12 P2'
MG non-polymer 'MAGNESIUM ION' 'Mg 2'
NO3 non-polymer 'NITRATE ION' 'N O3 -1'
#
# COMPACT_ATOMS: atom_id res chain seq x y z
N ASN A 9 18.90 -1.73 3.63
CA ASN A 9 19.30 -1.93 2.20
C ASN A 9 18.13 -2.15 1.18
N ILE A 10 17.52 -3.31 1.17
CA ILE A 10 16.39 -3.64 0.24
C ILE A 10 15.14 -3.48 1.05
N LEU A 11 14.11 -2.86 0.52
CA LEU A 11 12.91 -2.63 1.30
C LEU A 11 11.84 -3.54 0.71
N LYS A 12 11.18 -4.35 1.53
CA LYS A 12 10.13 -5.22 1.07
C LYS A 12 8.77 -4.66 1.42
N VAL A 13 7.89 -4.50 0.46
CA VAL A 13 6.61 -3.88 0.66
C VAL A 13 5.60 -4.82 0.07
N ILE A 14 4.59 -5.17 0.87
CA ILE A 14 3.51 -6.03 0.51
C ILE A 14 2.27 -5.23 0.29
N ILE A 15 1.45 -5.57 -0.72
CA ILE A 15 0.20 -4.85 -1.00
C ILE A 15 -0.93 -5.83 -0.92
N LEU A 16 -1.89 -5.56 -0.05
CA LEU A 16 -3.00 -6.44 0.17
C LEU A 16 -4.26 -5.66 -0.03
N GLY A 17 -5.36 -6.40 -0.16
CA GLY A 17 -6.69 -5.83 -0.39
C GLY A 17 -7.50 -6.69 -1.31
N ASP A 18 -8.82 -6.44 -1.33
CA ASP A 18 -9.70 -7.29 -2.12
C ASP A 18 -9.33 -7.24 -3.58
N SER A 19 -9.68 -8.29 -4.31
CA SER A 19 -9.37 -8.28 -5.72
C SER A 19 -10.27 -7.21 -6.37
N GLY A 20 -9.70 -6.49 -7.34
CA GLY A 20 -10.46 -5.51 -8.10
C GLY A 20 -10.29 -4.07 -7.66
N VAL A 21 -9.54 -3.85 -6.58
CA VAL A 21 -9.36 -2.53 -6.00
C VAL A 21 -8.32 -1.68 -6.67
N GLY A 22 -7.30 -2.30 -7.29
CA GLY A 22 -6.34 -1.57 -8.07
C GLY A 22 -4.92 -1.79 -7.61
N LYS A 23 -4.66 -2.92 -6.96
CA LYS A 23 -3.33 -3.16 -6.35
C LYS A 23 -2.30 -3.26 -7.44
N THR A 24 -2.59 -4.09 -8.43
CA THR A 24 -1.70 -4.23 -9.60
C THR A 24 -1.44 -2.93 -10.39
N SER A 25 -2.51 -2.19 -10.63
CA SER A 25 -2.48 -0.82 -11.25
C SER A 25 -1.62 0.17 -10.47
N LEU A 26 -1.71 0.15 -9.14
CA LEU A 26 -0.94 1.08 -8.32
C LEU A 26 0.52 0.69 -8.41
N MET A 27 0.80 -0.60 -8.35
CA MET A 27 2.20 -1.04 -8.55
C MET A 27 2.77 -0.57 -9.87
N HIS A 28 2.00 -0.72 -10.97
CA HIS A 28 2.51 -0.38 -12.33
C HIS A 28 2.73 1.09 -12.45
N ARG A 29 1.80 1.88 -11.88
CA ARG A 29 1.95 3.36 -11.84
C ARG A 29 3.19 3.75 -11.06
N TYR A 30 3.38 3.19 -9.90
CA TYR A 30 4.57 3.52 -9.12
C TYR A 30 5.85 3.12 -9.88
N VAL A 31 5.87 1.86 -10.36
CA VAL A 31 7.10 1.31 -10.85
C VAL A 31 7.47 1.92 -12.22
N ASN A 32 6.48 1.94 -13.13
CA ASN A 32 6.67 2.31 -14.53
C ASN A 32 6.02 3.64 -14.99
N ASP A 33 5.31 4.30 -14.09
CA ASP A 33 4.58 5.51 -14.41
C ASP A 33 3.73 5.27 -15.60
N LYS A 34 3.03 4.16 -15.60
CA LYS A 34 2.09 3.93 -16.70
C LYS A 34 0.76 3.45 -16.16
N TYR A 35 -0.24 3.36 -17.06
CA TYR A 35 -1.54 2.76 -16.78
C TYR A 35 -2.20 2.44 -18.09
N SER A 36 -2.75 1.23 -18.22
CA SER A 36 -3.64 0.85 -19.37
C SER A 36 -4.92 0.28 -18.82
N CYS A 37 -6.02 0.62 -19.45
CA CYS A 37 -7.23 -0.18 -19.34
C CYS A 37 -6.92 -1.64 -19.66
N THR A 42 2.25 -8.85 -14.66
CA THR A 42 3.53 -9.54 -14.78
C THR A 42 3.40 -10.95 -14.21
N ILE A 43 3.38 -11.92 -15.13
CA ILE A 43 3.39 -13.32 -14.76
C ILE A 43 4.82 -13.75 -14.42
N GLY A 44 4.98 -14.44 -13.31
CA GLY A 44 6.19 -15.17 -13.06
C GLY A 44 7.21 -14.45 -12.23
N ALA A 45 6.92 -13.19 -11.89
CA ALA A 45 7.77 -12.38 -11.01
C ALA A 45 7.05 -12.27 -9.68
N ASP A 46 7.72 -12.63 -8.60
CA ASP A 46 7.08 -12.55 -7.29
C ASP A 46 7.01 -11.09 -6.85
N PHE A 47 7.95 -10.28 -7.34
CA PHE A 47 7.95 -8.85 -7.04
C PHE A 47 8.52 -8.05 -8.19
N LEU A 48 8.19 -6.76 -8.20
CA LEU A 48 8.81 -5.75 -9.03
C LEU A 48 9.66 -4.79 -8.17
N THR A 49 10.67 -4.23 -8.79
CA THR A 49 11.64 -3.46 -8.03
C THR A 49 11.66 -2.09 -8.62
N LYS A 50 11.85 -1.11 -7.73
CA LYS A 50 11.96 0.27 -8.14
C LYS A 50 12.99 0.94 -7.24
N GLU A 51 13.87 1.72 -7.82
CA GLU A 51 14.87 2.41 -6.99
C GLU A 51 14.13 3.62 -6.33
N VAL A 52 14.30 3.77 -5.02
CA VAL A 52 13.71 4.90 -4.30
C VAL A 52 14.71 6.05 -4.34
N THR A 53 14.21 7.21 -4.75
CA THR A 53 14.95 8.48 -4.77
CA THR A 53 14.97 8.48 -4.75
C THR A 53 14.38 9.46 -3.73
N VAL A 54 15.24 9.96 -2.84
CA VAL A 54 14.82 10.95 -1.82
C VAL A 54 15.78 12.14 -1.95
N ASP A 55 15.25 13.37 -1.97
CA ASP A 55 16.07 14.58 -2.07
C ASP A 55 17.11 14.50 -3.22
N GLY A 56 16.66 13.96 -4.35
CA GLY A 56 17.53 13.72 -5.50
C GLY A 56 18.69 12.70 -5.36
N ASP A 57 18.64 11.83 -4.35
CA ASP A 57 19.60 10.75 -4.26
C ASP A 57 18.88 9.40 -4.28
N LYS A 58 19.55 8.41 -4.88
CA LYS A 58 19.11 7.02 -4.84
C LYS A 58 19.54 6.42 -3.51
N VAL A 59 18.53 6.02 -2.74
CA VAL A 59 18.82 5.61 -1.38
C VAL A 59 18.67 4.12 -1.22
N ALA A 60 17.74 3.49 -1.95
CA ALA A 60 17.44 2.09 -1.71
C ALA A 60 16.65 1.46 -2.86
N THR A 61 16.52 0.13 -2.85
CA THR A 61 15.64 -0.58 -3.79
C THR A 61 14.42 -1.08 -3.08
N MET A 62 13.27 -0.81 -3.65
CA MET A 62 12.04 -1.34 -3.08
C MET A 62 11.57 -2.52 -3.96
N GLN A 63 11.24 -3.64 -3.28
CA GLN A 63 10.50 -4.74 -3.85
C GLN A 63 9.05 -4.53 -3.51
N VAL A 64 8.20 -4.50 -4.52
CA VAL A 64 6.77 -4.41 -4.31
C VAL A 64 6.11 -5.77 -4.60
N TRP A 65 5.55 -6.40 -3.56
CA TRP A 65 5.01 -7.76 -3.65
C TRP A 65 3.52 -7.70 -3.75
N ASP A 66 3.00 -8.18 -4.86
CA ASP A 66 1.60 -8.07 -5.21
C ASP A 66 1.03 -9.50 -4.93
N THR A 67 -0.26 -9.68 -5.12
CA THR A 67 -0.92 -10.87 -4.56
C THR A 67 -0.87 -12.04 -5.56
N GLY A 77 2.10 -17.86 3.18
CA GLY A 77 3.40 -18.39 2.74
C GLY A 77 4.58 -17.81 3.52
N VAL A 78 5.39 -18.71 4.11
CA VAL A 78 6.59 -18.38 4.93
C VAL A 78 7.58 -17.40 4.25
N ALA A 79 7.97 -17.72 3.01
CA ALA A 79 8.88 -16.85 2.29
C ALA A 79 8.17 -15.59 1.75
N PHE A 80 6.85 -15.65 1.56
CA PHE A 80 6.06 -14.46 1.21
C PHE A 80 6.13 -13.32 2.25
N TYR A 81 5.94 -13.64 3.52
CA TYR A 81 5.97 -12.64 4.62
C TYR A 81 7.37 -12.33 5.09
N ARG A 82 8.29 -13.27 4.92
CA ARG A 82 9.60 -13.07 5.49
C ARG A 82 10.20 -11.76 5.02
N GLY A 83 10.76 -11.01 5.97
CA GLY A 83 11.44 -9.78 5.67
C GLY A 83 10.60 -8.55 5.37
N ALA A 84 9.27 -8.63 5.51
CA ALA A 84 8.46 -7.47 5.18
C ALA A 84 8.77 -6.25 6.04
N ASP A 85 8.82 -5.10 5.39
CA ASP A 85 9.20 -3.80 6.01
C ASP A 85 8.02 -2.87 6.06
N CYS A 86 6.98 -3.07 5.26
CA CYS A 86 5.81 -2.28 5.35
C CYS A 86 4.66 -3.04 4.68
N CYS A 87 3.44 -2.80 5.17
CA CYS A 87 2.28 -3.38 4.52
C CYS A 87 1.21 -2.35 4.11
N VAL A 88 0.83 -2.42 2.83
CA VAL A 88 -0.04 -1.47 2.27
C VAL A 88 -1.40 -2.17 2.17
N LEU A 89 -2.42 -1.46 2.58
CA LEU A 89 -3.81 -1.94 2.50
C LEU A 89 -4.68 -1.09 1.62
N VAL A 90 -5.34 -1.69 0.63
CA VAL A 90 -5.96 -0.96 -0.48
C VAL A 90 -7.42 -1.31 -0.52
N TYR A 91 -8.29 -0.27 -0.51
CA TYR A 91 -9.72 -0.37 -0.83
C TYR A 91 -10.01 0.53 -2.04
N ASP A 92 -11.24 0.46 -2.53
CA ASP A 92 -11.70 1.16 -3.70
C ASP A 92 -12.88 2.00 -3.22
N VAL A 93 -12.82 3.30 -3.54
CA VAL A 93 -13.71 4.27 -2.95
C VAL A 93 -15.12 4.07 -3.55
N THR A 94 -15.23 3.29 -4.65
CA THR A 94 -16.53 2.91 -5.27
C THR A 94 -17.09 1.53 -4.82
N ASN A 95 -16.30 0.80 -4.02
CA ASN A 95 -16.70 -0.54 -3.55
C ASN A 95 -16.72 -0.58 -1.99
N ALA A 96 -17.91 -0.48 -1.44
CA ALA A 96 -18.13 -0.40 0.02
C ALA A 96 -17.51 -1.63 0.74
N SER A 97 -17.75 -2.82 0.20
CA SER A 97 -17.23 -4.06 0.81
C SER A 97 -15.69 -4.11 0.88
N SER A 98 -15.01 -3.61 -0.15
CA SER A 98 -13.52 -3.46 -0.10
C SER A 98 -13.06 -2.66 1.11
N PHE A 99 -13.82 -1.63 1.47
CA PHE A 99 -13.47 -0.77 2.59
C PHE A 99 -13.73 -1.46 3.95
N GLU A 100 -14.86 -2.17 4.02
CA GLU A 100 -15.24 -2.83 5.26
C GLU A 100 -14.22 -3.94 5.59
N ASN A 101 -13.47 -4.42 4.59
CA ASN A 101 -12.50 -5.53 4.77
C ASN A 101 -11.11 -5.06 5.14
N ILE A 102 -10.90 -3.75 5.17
CA ILE A 102 -9.55 -3.25 5.50
C ILE A 102 -9.02 -3.76 6.86
N LYS A 103 -9.80 -3.66 7.92
CA LYS A 103 -9.29 -4.20 9.21
C LYS A 103 -8.97 -5.71 9.12
N SER A 104 -9.75 -6.48 8.34
CA SER A 104 -9.51 -7.90 8.16
C SER A 104 -8.14 -8.12 7.57
N TRP A 105 -7.79 -7.31 6.57
CA TRP A 105 -6.49 -7.53 5.89
C TRP A 105 -5.38 -7.19 6.83
N ARG A 106 -5.58 -6.10 7.54
CA ARG A 106 -4.52 -5.73 8.52
C ARG A 106 -4.29 -6.92 9.52
N ASP A 107 -5.39 -7.37 10.09
CA ASP A 107 -5.39 -8.51 11.09
C ASP A 107 -4.80 -9.81 10.49
N GLU A 108 -5.29 -10.21 9.31
CA GLU A 108 -4.75 -11.39 8.58
C GLU A 108 -3.22 -11.30 8.47
N PHE A 109 -2.73 -10.13 8.10
CA PHE A 109 -1.27 -9.91 8.06
C PHE A 109 -0.56 -10.10 9.39
N LEU A 110 -1.07 -9.50 10.46
CA LEU A 110 -0.33 -9.56 11.69
C LEU A 110 -0.38 -10.96 12.26
N VAL A 111 -1.49 -11.64 12.06
CA VAL A 111 -1.69 -13.00 12.55
C VAL A 111 -0.84 -14.03 11.81
N HIS A 112 -0.46 -13.78 10.55
CA HIS A 112 0.38 -14.74 9.85
C HIS A 112 1.80 -14.36 9.62
N ALA A 113 2.16 -13.07 9.68
CA ALA A 113 3.43 -12.61 9.14
C ALA A 113 4.59 -12.74 10.10
N ASN A 114 4.26 -13.03 11.34
CA ASN A 114 5.24 -13.13 12.41
C ASN A 114 6.27 -11.97 12.42
N VAL A 115 5.76 -10.73 12.52
CA VAL A 115 6.65 -9.54 12.48
C VAL A 115 7.35 -9.37 13.84
N ASN A 116 8.56 -8.79 13.84
CA ASN A 116 9.28 -8.59 15.09
CA ASN A 116 9.26 -8.55 15.08
C ASN A 116 8.47 -7.84 16.17
N SER A 117 7.75 -6.79 15.79
CA SER A 117 7.00 -5.99 16.72
C SER A 117 5.63 -5.53 16.22
N PRO A 118 4.62 -6.37 16.37
CA PRO A 118 3.29 -5.98 15.91
C PRO A 118 2.83 -4.55 16.34
N GLU A 119 3.27 -4.13 17.51
CA GLU A 119 2.91 -2.82 18.07
C GLU A 119 3.33 -1.68 17.14
N THR A 120 4.50 -1.83 16.53
CA THR A 120 5.11 -0.75 15.77
C THR A 120 5.22 -1.00 14.25
N PHE A 121 4.95 -2.22 13.77
CA PHE A 121 4.96 -2.46 12.32
C PHE A 121 4.06 -1.50 11.54
N PRO A 122 4.62 -0.91 10.45
CA PRO A 122 3.86 0.07 9.68
C PRO A 122 2.94 -0.45 8.59
N PHE A 123 1.71 0.02 8.64
CA PHE A 123 0.75 -0.10 7.56
C PHE A 123 0.55 1.32 6.96
N VAL A 124 0.03 1.34 5.75
CA VAL A 124 -0.40 2.53 5.03
C VAL A 124 -1.68 2.04 4.33
N ILE A 125 -2.71 2.85 4.43
CA ILE A 125 -4.02 2.62 3.74
C ILE A 125 -4.18 3.49 2.46
N LEU A 126 -4.55 2.87 1.33
CA LEU A 126 -4.80 3.60 0.09
C LEU A 126 -6.24 3.40 -0.26
N GLY A 127 -6.96 4.53 -0.41
CA GLY A 127 -8.29 4.59 -0.98
C GLY A 127 -8.24 4.98 -2.47
N ASN A 128 -8.31 3.97 -3.35
CA ASN A 128 -8.02 4.12 -4.78
C ASN A 128 -9.29 4.38 -5.56
N LYS A 129 -9.07 4.91 -6.76
CA LYS A 129 -10.05 5.22 -7.78
C LYS A 129 -10.72 6.57 -7.50
N ILE A 130 -9.97 7.47 -6.88
CA ILE A 130 -10.51 8.81 -6.47
C ILE A 130 -10.87 9.71 -7.71
N ASP A 131 -10.46 9.25 -8.89
CA ASP A 131 -10.80 9.86 -10.16
C ASP A 131 -12.24 9.55 -10.56
N ALA A 132 -12.97 8.67 -9.83
CA ALA A 132 -14.29 8.22 -10.30
C ALA A 132 -15.28 9.36 -10.17
N GLU A 133 -16.30 9.38 -11.03
CA GLU A 133 -17.36 10.34 -10.87
C GLU A 133 -17.91 10.26 -9.48
N GLU A 134 -18.36 11.41 -8.98
CA GLU A 134 -18.70 11.59 -7.57
C GLU A 134 -19.85 10.68 -7.15
N SER A 135 -20.79 10.47 -8.06
CA SER A 135 -21.95 9.67 -7.80
C SER A 135 -21.62 8.20 -7.59
N LYS A 136 -20.44 7.78 -8.02
CA LYS A 136 -19.99 6.40 -7.90
C LYS A 136 -19.15 6.19 -6.63
N LYS A 137 -18.69 7.28 -6.01
CA LYS A 137 -17.99 7.17 -4.75
C LYS A 137 -19.02 6.77 -3.70
N ILE A 138 -18.63 5.79 -2.89
CA ILE A 138 -19.47 5.24 -1.83
C ILE A 138 -18.86 5.39 -0.46
N VAL A 139 -17.55 5.33 -0.37
CA VAL A 139 -16.89 5.48 0.89
C VAL A 139 -16.52 6.95 0.99
N SER A 140 -16.91 7.61 2.07
CA SER A 140 -16.60 9.02 2.23
C SER A 140 -15.16 9.12 2.73
N GLU A 141 -14.53 10.26 2.48
CA GLU A 141 -13.21 10.53 3.09
C GLU A 141 -13.26 10.47 4.62
N LYS A 142 -14.33 11.00 5.22
CA LYS A 142 -14.47 11.04 6.68
C LYS A 142 -14.38 9.63 7.31
N SER A 143 -15.11 8.67 6.74
CA SER A 143 -15.21 7.29 7.23
C SER A 143 -13.83 6.66 7.21
N ALA A 144 -13.11 6.88 6.12
CA ALA A 144 -11.76 6.36 5.99
C ALA A 144 -10.81 6.98 6.98
N GLN A 145 -10.88 8.28 7.18
CA GLN A 145 -10.04 8.93 8.20
C GLN A 145 -10.33 8.38 9.60
N GLU A 146 -11.60 8.18 9.92
CA GLU A 146 -11.97 7.56 11.16
C GLU A 146 -11.44 6.16 11.32
N LEU A 147 -11.54 5.32 10.29
CA LEU A 147 -11.00 3.95 10.43
C LEU A 147 -9.47 3.97 10.60
N ALA A 148 -8.80 4.75 9.78
CA ALA A 148 -7.31 4.85 9.86
C ALA A 148 -6.88 5.27 11.26
N LYS A 149 -7.60 6.24 11.83
CA LYS A 149 -7.39 6.62 13.22
C LYS A 149 -7.61 5.45 14.17
N SER A 150 -8.79 4.82 14.10
CA SER A 150 -9.13 3.75 15.06
C SER A 150 -8.14 2.63 14.98
N LEU A 151 -7.51 2.42 13.83
CA LEU A 151 -6.51 1.38 13.70
C LEU A 151 -5.11 1.76 14.20
N GLY A 152 -4.93 2.89 14.83
CA GLY A 152 -3.54 3.21 15.34
C GLY A 152 -2.92 4.37 14.59
N ASP A 153 -3.76 5.30 14.11
CA ASP A 153 -3.33 6.44 13.30
C ASP A 153 -2.48 5.97 12.09
N ILE A 154 -2.99 5.05 11.29
CA ILE A 154 -2.30 4.55 10.08
C ILE A 154 -2.34 5.70 9.04
N PRO A 155 -1.25 6.02 8.33
CA PRO A 155 -1.37 6.98 7.21
C PRO A 155 -2.46 6.58 6.19
N LEU A 156 -3.29 7.55 5.82
CA LEU A 156 -4.31 7.37 4.78
C LEU A 156 -3.98 8.21 3.55
N PHE A 157 -3.94 7.62 2.37
CA PHE A 157 -3.90 8.43 1.14
C PHE A 157 -5.07 8.01 0.26
N LEU A 158 -5.71 8.99 -0.37
CA LEU A 158 -6.68 8.71 -1.42
C LEU A 158 -5.93 8.86 -2.78
N THR A 159 -6.09 7.89 -3.68
CA THR A 159 -5.30 7.74 -4.92
C THR A 159 -6.06 7.42 -6.20
N SER A 160 -5.41 7.73 -7.34
CA SER A 160 -5.80 7.26 -8.64
C SER A 160 -4.58 6.74 -9.36
N ALA A 161 -4.46 5.42 -9.44
CA ALA A 161 -3.52 4.82 -10.36
C ALA A 161 -3.73 5.31 -11.83
N LYS A 162 -4.99 5.43 -12.20
CA LYS A 162 -5.34 5.78 -13.57
C LYS A 162 -4.83 7.16 -13.96
N ASN A 163 -5.18 8.17 -13.16
CA ASN A 163 -4.89 9.58 -13.48
C ASN A 163 -3.68 10.12 -12.74
N ALA A 164 -2.90 9.27 -12.08
CA ALA A 164 -1.70 9.78 -11.42
C ALA A 164 -1.98 10.87 -10.40
N ILE A 165 -2.93 10.58 -9.53
CA ILE A 165 -3.30 11.42 -8.40
C ILE A 165 -2.81 10.78 -7.07
N ASN A 166 -1.85 11.43 -6.44
CA ASN A 166 -1.41 11.10 -5.09
C ASN A 166 -0.58 9.80 -4.91
N VAL A 167 -0.29 9.09 -5.99
CA VAL A 167 0.39 7.81 -5.85
C VAL A 167 1.87 8.11 -5.54
N ASP A 168 2.39 9.19 -6.08
CA ASP A 168 3.71 9.60 -5.76
C ASP A 168 3.89 9.94 -4.24
N THR A 169 2.97 10.72 -3.68
CA THR A 169 3.01 11.14 -2.28
C THR A 169 2.80 9.92 -1.34
N ALA A 170 1.81 9.09 -1.70
CA ALA A 170 1.58 7.85 -1.02
C ALA A 170 2.78 6.92 -0.97
N PHE A 171 3.44 6.65 -2.10
CA PHE A 171 4.63 5.83 -2.05
C PHE A 171 5.81 6.48 -1.44
N GLU A 172 5.83 7.80 -1.44
CA GLU A 172 6.84 8.50 -0.70
C GLU A 172 6.74 8.11 0.80
N GLU A 173 5.51 8.04 1.33
CA GLU A 173 5.33 7.66 2.76
C GLU A 173 5.54 6.15 2.99
N ILE A 174 5.16 5.30 2.02
CA ILE A 174 5.39 3.85 2.07
C ILE A 174 6.90 3.61 2.15
N ALA A 175 7.67 4.29 1.31
CA ALA A 175 9.14 4.13 1.29
C ALA A 175 9.77 4.60 2.60
N ARG A 176 9.33 5.75 3.08
CA ARG A 176 9.81 6.33 4.35
C ARG A 176 9.50 5.35 5.51
N SER A 177 8.25 4.86 5.62
CA SER A 177 7.85 3.82 6.64
C SER A 177 8.75 2.56 6.55
N ALA A 178 8.96 2.08 5.33
CA ALA A 178 9.79 0.88 5.07
C ALA A 178 11.24 1.08 5.47
N LEU A 179 11.73 2.27 5.24
CA LEU A 179 13.12 2.59 5.53
C LEU A 179 13.33 2.64 7.04
N GLN A 180 12.33 3.20 7.73
CA GLN A 180 12.41 3.32 9.14
C GLN A 180 12.31 1.92 9.76
N GLN A 181 11.39 1.09 9.24
CA GLN A 181 11.24 -0.29 9.76
C GLN A 181 12.45 -1.12 9.44
N ASN A 182 13.02 -0.94 8.23
CA ASN A 182 14.18 -1.71 7.79
C ASN A 182 15.37 -1.48 8.68
N GLN A 183 15.54 -0.24 9.14
CA GLN A 183 16.75 0.12 9.88
C GLN A 183 16.56 0.09 11.40
N ALA A 184 15.38 -0.30 11.87
CA ALA A 184 15.11 -0.23 13.28
C ALA A 184 16.08 -1.15 14.03
O3B 2UH B . -4.95 -6.02 -8.70
PB 2UH B . -6.33 -5.82 -8.29
O1B 2UH B . -6.52 -5.19 -6.96
O2B 2UH B . -7.31 -6.87 -8.63
O3A 2UH B . -6.89 -4.60 -9.23
PA 2UH B . -6.37 -4.08 -10.69
O1A 2UH B . -6.31 -5.21 -11.68
O2A 2UH B . -5.17 -3.22 -10.60
O5' 2UH B . -7.60 -3.28 -11.21
C5' 2UH B . -8.90 -3.84 -11.34
C4' 2UH B . -9.71 -2.86 -12.19
O4' 2UH B . -9.64 -1.53 -11.55
C3' 2UH B . -9.18 -2.63 -13.61
O3' 2UH B . -10.30 -2.30 -14.46
C2' 2UH B . -8.33 -1.36 -13.49
O2' 2UH B . -8.20 -0.65 -14.75
C1' 2UH B . -9.24 -0.57 -12.51
N9 2UH B . -8.53 0.54 -11.84
C4 2UH B . -8.89 1.83 -11.74
N3 2UH B . -9.98 2.44 -12.21
C8 2UH B . -7.39 0.36 -11.19
N7 2UH B . -7.01 1.55 -10.74
C5 2UH B . -7.92 2.50 -11.02
C6 2UH B . -8.01 3.85 -10.77
O6 2UH B . -7.18 4.61 -10.14
N1 2UH B . -9.15 4.46 -11.29
C2 2UH B . -10.13 3.77 -12.05
N4 2UH B . -11.20 4.42 -12.46
CAO 2UH B . -12.34 3.85 -13.22
CAM 2UH B . -11.89 3.86 -14.66
CAN 2UH B . -12.72 2.76 -15.41
NAS 2UH B . -12.25 2.66 -16.81
CAY 2UH B . -11.41 1.70 -17.29
OAB 2UH B . -11.04 0.71 -16.64
CAL 2UH B . -11.08 1.77 -18.79
CAA 2UH B . -9.67 2.42 -18.99
MG MG C . -3.92 -7.63 -9.29
N NO3 D . 1.43 9.60 -9.37
O1 NO3 D . 1.42 8.53 -9.94
O2 NO3 D . 0.33 10.07 -8.71
O3 NO3 D . 2.57 10.34 -9.38
#